data_1US7
#
_entry.id   1US7
#
_cell.length_a   83.759
_cell.length_b   83.759
_cell.length_c   148.445
_cell.angle_alpha   90.00
_cell.angle_beta   90.00
_cell.angle_gamma   120.00
#
_symmetry.space_group_name_H-M   'P 31 2 1'
#
loop_
_entity.id
_entity.type
_entity.pdbx_description
1 polymer 'HEAT SHOCK PROTEIN HSP82'
2 polymer 'HSP90 CO-CHAPERONE CDC37'
3 water water
#
loop_
_entity_poly.entity_id
_entity_poly.type
_entity_poly.pdbx_seq_one_letter_code
_entity_poly.pdbx_strand_id
1 'polypeptide(L)'
;MASETFEFQAEITQLMSLIINTVYSNKEIFLRELISNASDALDKIRYKSLSDPKQLETEPDLFIRITPKPEQKVLEIRDS
GIGMTKAELINNLGTIAKSGTKAFMEALSAGADVSMIGQFGVGFYSLFLVADRVQVISKSNDDEQYIWESNAGGSFTVTL
DEVNERIGRGTILRLFLKDDQLEYLEEKRIKEVIKRHSEFVAYPIQLVVTKEVE
;
A
2 'polypeptide(L)'
;MRGSHHHHHHGMASMVNTKPEKTEEDSEEVREQKHKTFVEKYEKQIKHFGMLRRWDDSQKYLSDNVHLVCEETANYLVIW
CIDLEVEEKCALMEQVAHQTIVMQFILELAKSLKVDPRACFRQFFTKIKTADRQYMEGFNDELEAFKERVRGRAKLRIEK
AMKEYEEEERKKRLGPGGLDPVEVYESLPEELQKCFDVKDVQMLQDAISKMDPTDAKYHMQRCIDSGLWVPNSKASEAKE
GEEAGPGDPLLEAVPKTGDEKDVSV
;
B
#
# COMPACT_ATOMS: atom_id res chain seq x y z
N ALA A 2 9.25 -31.95 12.35
CA ALA A 2 8.01 -31.28 12.91
C ALA A 2 7.76 -29.93 12.18
N SER A 3 7.43 -29.98 10.90
CA SER A 3 7.16 -28.73 10.25
C SER A 3 5.79 -28.10 10.72
N GLU A 4 5.71 -26.77 10.79
CA GLU A 4 4.53 -26.06 11.26
C GLU A 4 3.89 -25.29 10.11
N THR A 5 2.58 -25.23 10.13
CA THR A 5 1.80 -24.67 9.08
C THR A 5 1.03 -23.49 9.60
N PHE A 6 1.03 -22.36 8.86
CA PHE A 6 0.30 -21.15 9.23
C PHE A 6 -0.35 -20.61 7.98
N GLU A 7 -1.48 -19.90 8.12
CA GLU A 7 -2.09 -19.20 7.01
C GLU A 7 -1.55 -17.76 6.81
N PHE A 8 -1.36 -17.41 5.55
CA PHE A 8 -1.00 -16.02 5.16
C PHE A 8 -2.18 -15.10 5.52
N GLN A 9 -1.88 -13.83 5.87
CA GLN A 9 -2.98 -12.82 5.80
C GLN A 9 -3.69 -12.93 4.45
N ALA A 10 -5.01 -12.66 4.43
CA ALA A 10 -5.79 -12.87 3.20
C ALA A 10 -5.27 -12.04 1.98
N GLU A 11 -4.78 -10.84 2.23
CA GLU A 11 -4.38 -9.96 1.11
C GLU A 11 -3.14 -10.57 0.43
N ILE A 12 -2.23 -11.18 1.21
CA ILE A 12 -1.10 -11.82 0.62
C ILE A 12 -1.47 -13.02 -0.26
N THR A 13 -2.34 -13.89 0.24
CA THR A 13 -2.85 -15.02 -0.57
C THR A 13 -3.53 -14.51 -1.88
N GLN A 14 -4.36 -13.47 -1.77
CA GLN A 14 -4.96 -12.88 -2.96
C GLN A 14 -3.82 -12.40 -3.96
N LEU A 15 -2.81 -11.69 -3.44
CA LEU A 15 -1.88 -11.16 -4.39
C LEU A 15 -1.14 -12.38 -5.11
N MET A 16 -0.81 -13.43 -4.34
CA MET A 16 -0.09 -14.53 -4.91
C MET A 16 -0.91 -15.22 -5.99
N SER A 17 -2.21 -15.27 -5.77
CA SER A 17 -3.16 -15.78 -6.73
C SER A 17 -3.13 -14.98 -8.05
N LEU A 18 -3.23 -13.66 -8.03
CA LEU A 18 -3.11 -12.90 -9.21
C LEU A 18 -1.74 -13.14 -9.95
N ILE A 19 -0.65 -13.14 -9.17
CA ILE A 19 0.66 -13.16 -9.75
C ILE A 19 0.87 -14.54 -10.41
N ILE A 20 0.53 -15.62 -9.73
CA ILE A 20 0.81 -16.91 -10.30
C ILE A 20 -0.05 -17.21 -11.56
N ASN A 21 -1.24 -16.60 -11.68
CA ASN A 21 -2.09 -16.78 -12.84
C ASN A 21 -1.93 -15.70 -13.94
N THR A 22 -1.32 -14.52 -13.67
CA THR A 22 -1.31 -13.50 -14.70
C THR A 22 -0.53 -14.00 -15.96
N VAL A 23 -1.02 -13.62 -17.13
CA VAL A 23 -0.33 -13.92 -18.40
C VAL A 23 0.56 -12.72 -18.76
N TYR A 24 0.62 -11.66 -17.93
CA TYR A 24 1.62 -10.60 -18.08
C TYR A 24 2.87 -11.16 -18.77
N SER A 25 3.25 -10.57 -19.89
CA SER A 25 4.28 -11.23 -20.68
C SER A 25 5.69 -10.81 -20.30
N ASN A 26 5.93 -9.83 -19.42
CA ASN A 26 7.29 -9.39 -19.18
C ASN A 26 7.74 -10.01 -17.85
N LYS A 27 7.74 -11.34 -17.82
CA LYS A 27 7.96 -12.03 -16.57
C LYS A 27 9.34 -11.90 -15.98
N GLU A 28 10.30 -11.50 -16.80
CA GLU A 28 11.68 -11.54 -16.33
C GLU A 28 11.91 -10.48 -15.24
N ILE A 29 10.98 -9.51 -15.05
CA ILE A 29 11.17 -8.56 -13.93
C ILE A 29 11.27 -9.20 -12.54
N PHE A 30 10.95 -10.51 -12.40
CA PHE A 30 11.06 -11.19 -11.07
C PHE A 30 12.45 -11.17 -10.55
N LEU A 31 13.38 -11.32 -11.48
CA LEU A 31 14.79 -11.52 -11.12
C LEU A 31 15.35 -10.19 -10.60
N ARG A 32 15.02 -9.11 -11.26
CA ARG A 32 15.25 -7.73 -10.77
C ARG A 32 14.76 -7.54 -9.33
N GLU A 33 13.53 -7.93 -9.04
CA GLU A 33 12.96 -7.79 -7.68
C GLU A 33 13.68 -8.61 -6.62
N LEU A 34 14.04 -9.83 -6.98
CA LEU A 34 14.75 -10.69 -6.04
C LEU A 34 16.18 -10.21 -5.86
N ILE A 35 16.77 -9.63 -6.93
CA ILE A 35 18.14 -9.15 -6.76
C ILE A 35 18.12 -7.90 -5.90
N SER A 36 17.12 -7.04 -6.14
CA SER A 36 16.94 -5.84 -5.27
C SER A 36 16.65 -6.21 -3.76
N ASN A 37 15.84 -7.24 -3.52
CA ASN A 37 15.71 -7.74 -2.11
C ASN A 37 17.01 -8.25 -1.55
N ALA A 38 17.77 -9.00 -2.38
CA ALA A 38 19.04 -9.56 -1.90
C ALA A 38 19.98 -8.37 -1.56
N SER A 39 19.94 -7.34 -2.39
CA SER A 39 20.78 -6.16 -2.14
C SER A 39 20.38 -5.42 -0.89
N ASP A 40 19.08 -5.22 -0.65
CA ASP A 40 18.63 -4.72 0.67
C ASP A 40 19.01 -5.57 1.91
N ALA A 41 18.89 -6.90 1.82
CA ALA A 41 19.30 -7.79 2.94
C ALA A 41 20.81 -7.59 3.23
N LEU A 42 21.58 -7.35 2.16
CA LEU A 42 23.00 -7.13 2.32
C LEU A 42 23.28 -5.75 2.95
N ASP A 43 22.50 -4.71 2.58
CA ASP A 43 22.67 -3.38 3.20
C ASP A 43 22.41 -3.48 4.70
N LYS A 44 21.37 -4.23 5.08
CA LYS A 44 21.00 -4.45 6.48
C LYS A 44 22.14 -5.01 7.31
N ILE A 45 22.76 -6.10 6.86
CA ILE A 45 23.89 -6.65 7.61
C ILE A 45 25.10 -5.70 7.61
N ARG A 46 25.31 -5.00 6.50
CA ARG A 46 26.36 -4.00 6.41
C ARG A 46 26.11 -2.84 7.37
N TYR A 47 24.88 -2.32 7.42
CA TYR A 47 24.52 -1.33 8.44
C TYR A 47 24.75 -1.81 9.92
N LYS A 48 24.33 -3.02 10.23
CA LYS A 48 24.39 -3.50 11.60
C LYS A 48 25.82 -3.58 12.08
N SER A 49 26.72 -3.88 11.16
CA SER A 49 28.06 -4.20 11.50
C SER A 49 28.92 -2.93 11.60
N LEU A 50 28.35 -1.77 11.29
CA LEU A 50 29.00 -0.49 11.57
C LEU A 50 29.18 -0.30 13.09
N SER A 51 28.18 -0.67 13.89
CA SER A 51 28.39 -0.59 15.33
C SER A 51 28.85 -1.94 15.93
N ASP A 52 28.88 -2.99 15.11
CA ASP A 52 28.99 -4.35 15.62
C ASP A 52 29.70 -5.19 14.59
N PRO A 53 31.01 -4.99 14.35
CA PRO A 53 31.70 -5.72 13.28
C PRO A 53 31.71 -7.27 13.42
N LYS A 54 31.47 -7.82 14.60
CA LYS A 54 31.48 -9.30 14.70
C LYS A 54 30.27 -10.01 14.09
N GLN A 55 29.25 -9.22 13.72
CA GLN A 55 28.09 -9.73 12.99
C GLN A 55 28.48 -10.25 11.61
N LEU A 56 29.52 -9.63 11.03
CA LEU A 56 30.02 -10.10 9.76
C LEU A 56 30.70 -11.44 9.83
N GLU A 57 31.18 -11.84 11.01
CA GLU A 57 32.10 -13.00 11.07
C GLU A 57 31.53 -14.34 10.64
N THR A 58 30.21 -14.48 10.62
CA THR A 58 29.58 -15.73 10.18
C THR A 58 29.65 -15.95 8.70
N GLU A 59 29.91 -14.88 7.94
CA GLU A 59 30.10 -14.90 6.51
C GLU A 59 30.63 -13.46 6.07
N PRO A 60 31.97 -13.27 6.12
CA PRO A 60 32.58 -11.95 5.80
C PRO A 60 32.38 -11.56 4.33
N ASP A 61 32.16 -12.54 3.48
CA ASP A 61 31.88 -12.23 2.09
C ASP A 61 30.42 -11.70 1.79
N LEU A 62 30.30 -10.46 1.27
CA LEU A 62 29.03 -9.85 0.87
C LEU A 62 28.73 -10.02 -0.61
N PHE A 63 27.74 -10.85 -0.97
CA PHE A 63 27.54 -11.21 -2.38
C PHE A 63 26.13 -11.73 -2.61
N ILE A 64 25.79 -11.82 -3.91
CA ILE A 64 24.60 -12.40 -4.46
C ILE A 64 25.03 -13.45 -5.46
N ARG A 65 24.39 -14.60 -5.48
CA ARG A 65 24.81 -15.70 -6.33
C ARG A 65 23.58 -16.42 -6.84
N ILE A 66 23.54 -16.63 -8.14
CA ILE A 66 22.45 -17.25 -8.85
C ILE A 66 23.00 -18.56 -9.38
N THR A 67 22.34 -19.65 -9.05
CA THR A 67 22.73 -20.98 -9.44
C THR A 67 21.54 -21.70 -10.01
N PRO A 68 21.58 -21.96 -11.31
CA PRO A 68 20.55 -22.81 -11.95
C PRO A 68 20.81 -24.27 -11.62
N LYS A 69 19.74 -25.01 -11.46
CA LYS A 69 19.81 -26.44 -11.23
C LYS A 69 18.86 -27.14 -12.19
N PRO A 70 19.32 -27.29 -13.44
CA PRO A 70 18.43 -27.68 -14.55
C PRO A 70 17.80 -29.02 -14.24
N GLU A 71 18.50 -29.88 -13.49
CA GLU A 71 18.02 -31.25 -13.28
C GLU A 71 16.90 -31.34 -12.24
N GLN A 72 16.62 -30.21 -11.60
CA GLN A 72 15.55 -30.13 -10.62
C GLN A 72 14.56 -29.05 -11.07
N LYS A 73 14.87 -28.37 -12.21
CA LYS A 73 14.04 -27.26 -12.74
C LYS A 73 13.93 -26.18 -11.67
N VAL A 74 15.05 -25.94 -11.01
CA VAL A 74 15.18 -25.09 -9.86
C VAL A 74 16.13 -23.93 -10.22
N LEU A 75 15.81 -22.73 -9.73
CA LEU A 75 16.71 -21.62 -9.88
C LEU A 75 16.90 -21.17 -8.46
N GLU A 76 18.16 -21.04 -7.99
CA GLU A 76 18.36 -20.54 -6.66
C GLU A 76 18.95 -19.17 -6.68
N ILE A 77 18.50 -18.26 -5.82
CA ILE A 77 19.09 -16.95 -5.70
C ILE A 77 19.59 -16.81 -4.26
N ARG A 78 20.88 -16.75 -4.06
CA ARG A 78 21.40 -16.62 -2.73
C ARG A 78 21.99 -15.27 -2.44
N ASP A 79 21.82 -14.79 -1.20
CA ASP A 79 22.59 -13.64 -0.70
C ASP A 79 23.23 -13.90 0.67
N SER A 80 24.31 -13.21 0.98
CA SER A 80 24.86 -13.30 2.34
C SER A 80 24.40 -12.12 3.19
N GLY A 81 23.10 -11.76 3.11
CA GLY A 81 22.58 -10.62 3.86
C GLY A 81 22.24 -11.05 5.28
N ILE A 82 21.41 -10.24 5.91
CA ILE A 82 21.18 -10.37 7.31
C ILE A 82 20.49 -11.66 7.63
N GLY A 83 19.80 -12.26 6.66
CA GLY A 83 19.04 -13.48 6.93
C GLY A 83 17.76 -13.20 7.68
N MET A 84 16.94 -14.23 7.82
CA MET A 84 15.75 -14.14 8.68
C MET A 84 15.71 -15.31 9.75
N THR A 85 15.34 -14.99 11.02
CA THR A 85 15.05 -15.97 12.04
C THR A 85 13.74 -16.62 11.71
N LYS A 86 13.43 -17.73 12.38
CA LYS A 86 12.10 -18.35 12.19
C LYS A 86 10.94 -17.36 12.36
N ALA A 87 10.99 -16.53 13.40
CA ALA A 87 9.92 -15.57 13.62
C ALA A 87 9.88 -14.51 12.52
N GLU A 88 11.04 -14.11 12.00
CA GLU A 88 11.02 -13.23 10.83
C GLU A 88 10.51 -13.86 9.58
N LEU A 89 10.77 -15.14 9.37
CA LEU A 89 10.17 -15.79 8.18
C LEU A 89 8.66 -15.73 8.27
N ILE A 90 8.15 -16.02 9.48
CA ILE A 90 6.70 -16.10 9.64
C ILE A 90 6.08 -14.74 9.48
N ASN A 91 6.66 -13.78 10.18
CA ASN A 91 6.11 -12.45 10.21
C ASN A 91 6.26 -11.73 8.88
N ASN A 92 7.48 -11.71 8.37
CA ASN A 92 7.81 -10.88 7.24
C ASN A 92 7.17 -11.42 5.95
N LEU A 93 7.23 -12.75 5.72
CA LEU A 93 6.67 -13.32 4.48
C LEU A 93 5.23 -13.61 4.68
N GLY A 94 4.77 -13.95 5.93
CA GLY A 94 3.40 -14.45 6.01
C GLY A 94 2.41 -13.44 6.55
N THR A 95 2.91 -12.36 7.14
CA THR A 95 1.99 -11.46 7.87
C THR A 95 2.13 -10.00 7.52
N ILE A 96 3.28 -9.35 7.77
CA ILE A 96 3.35 -7.87 7.64
C ILE A 96 3.48 -7.31 6.21
N ALA A 97 3.62 -8.18 5.21
CA ALA A 97 3.43 -7.86 3.83
C ALA A 97 2.02 -7.49 3.58
N LYS A 98 1.15 -7.65 4.56
CA LYS A 98 -0.29 -7.42 4.27
C LYS A 98 -0.59 -6.01 3.62
N SER A 99 -0.11 -4.93 4.20
CA SER A 99 -0.46 -3.55 3.77
C SER A 99 0.21 -3.21 2.44
N GLY A 100 1.43 -3.63 2.20
CA GLY A 100 2.04 -3.58 0.86
C GLY A 100 1.29 -4.33 -0.19
N THR A 101 0.80 -5.56 0.11
CA THR A 101 0.16 -6.32 -0.99
C THR A 101 -1.24 -5.70 -1.24
N LYS A 102 -1.87 -5.20 -0.15
CA LYS A 102 -3.14 -4.51 -0.31
C LYS A 102 -2.98 -3.23 -1.13
N ALA A 103 -1.93 -2.45 -0.90
CA ALA A 103 -1.79 -1.18 -1.59
C ALA A 103 -1.49 -1.50 -3.06
N PHE A 104 -0.74 -2.55 -3.27
CA PHE A 104 -0.39 -2.89 -4.64
C PHE A 104 -1.65 -3.36 -5.46
N MET A 105 -2.48 -4.23 -4.85
CA MET A 105 -3.79 -4.63 -5.49
C MET A 105 -4.71 -3.45 -5.78
N GLU A 106 -4.70 -2.48 -4.85
CA GLU A 106 -5.37 -1.22 -5.08
C GLU A 106 -4.76 -0.47 -6.28
N ALA A 107 -3.43 -0.43 -6.35
CA ALA A 107 -2.78 0.21 -7.47
C ALA A 107 -3.14 -0.51 -8.75
N LEU A 108 -3.19 -1.83 -8.73
CA LEU A 108 -3.53 -2.58 -9.95
C LEU A 108 -4.94 -2.27 -10.45
N SER A 109 -5.89 -1.92 -9.56
CA SER A 109 -7.22 -1.47 -10.05
C SER A 109 -7.28 0.01 -10.43
N ALA A 110 -6.22 0.75 -10.23
CA ALA A 110 -6.25 2.17 -10.44
C ALA A 110 -5.27 2.56 -11.60
N GLY A 111 -4.80 1.56 -12.36
CA GLY A 111 -3.96 1.79 -13.54
C GLY A 111 -2.51 1.25 -13.46
N ALA A 112 -2.02 0.70 -12.34
CA ALA A 112 -0.63 0.15 -12.30
C ALA A 112 -0.58 -1.20 -13.06
N ASP A 113 0.61 -1.71 -13.33
CA ASP A 113 0.71 -3.04 -13.89
C ASP A 113 1.67 -3.86 -13.00
N VAL A 114 1.81 -5.14 -13.32
CA VAL A 114 2.65 -6.08 -12.58
C VAL A 114 4.06 -5.57 -12.30
N SER A 115 4.68 -4.85 -13.24
CA SER A 115 6.15 -4.50 -13.05
C SER A 115 6.31 -3.41 -12.03
N MET A 116 5.23 -2.89 -11.53
CA MET A 116 5.33 -1.88 -10.45
C MET A 116 5.34 -2.48 -9.03
N ILE A 117 5.13 -3.79 -8.95
CA ILE A 117 5.17 -4.50 -7.64
C ILE A 117 6.35 -4.10 -6.69
N GLY A 118 7.55 -3.88 -7.23
CA GLY A 118 8.68 -3.51 -6.35
C GLY A 118 8.58 -2.10 -5.75
N GLN A 119 7.69 -1.28 -6.28
CA GLN A 119 7.43 0.02 -5.65
C GLN A 119 6.66 -0.06 -4.32
N PHE A 120 6.03 -1.21 -4.04
CA PHE A 120 5.17 -1.43 -2.90
C PHE A 120 5.80 -2.29 -1.87
N GLY A 121 7.05 -2.69 -2.05
CA GLY A 121 7.73 -3.36 -0.96
C GLY A 121 7.40 -4.83 -0.96
N VAL A 122 6.69 -5.33 -2.00
CA VAL A 122 6.35 -6.74 -2.03
C VAL A 122 6.84 -7.50 -3.26
N GLY A 123 7.87 -6.98 -3.96
CA GLY A 123 8.51 -7.64 -5.08
C GLY A 123 8.85 -9.13 -4.86
N PHE A 124 9.18 -9.53 -3.61
CA PHE A 124 9.39 -10.97 -3.31
C PHE A 124 8.35 -11.82 -4.07
N TYR A 125 7.05 -11.47 -3.96
CA TYR A 125 5.98 -12.32 -4.50
C TYR A 125 5.97 -12.41 -6.04
N SER A 126 6.70 -11.51 -6.70
CA SER A 126 6.83 -11.59 -8.15
C SER A 126 7.48 -12.96 -8.57
N LEU A 127 8.11 -13.69 -7.65
CA LEU A 127 8.73 -14.92 -8.07
C LEU A 127 7.65 -15.90 -8.63
N PHE A 128 6.37 -15.68 -8.27
CA PHE A 128 5.33 -16.56 -8.78
C PHE A 128 4.99 -16.34 -10.23
N LEU A 129 5.61 -15.35 -10.85
CA LEU A 129 5.43 -15.22 -12.28
C LEU A 129 6.09 -16.39 -13.03
N VAL A 130 7.16 -16.94 -12.47
CA VAL A 130 7.95 -17.96 -13.16
C VAL A 130 8.05 -19.28 -12.35
N ALA A 131 7.60 -19.25 -11.10
CA ALA A 131 7.68 -20.45 -10.24
C ALA A 131 6.30 -20.83 -9.68
N ASP A 132 6.08 -22.15 -9.49
CA ASP A 132 4.88 -22.48 -8.75
C ASP A 132 5.14 -22.76 -7.30
N ARG A 133 6.41 -22.68 -6.87
CA ARG A 133 6.68 -23.02 -5.51
C ARG A 133 8.00 -22.39 -5.18
N VAL A 134 8.14 -21.93 -3.95
CA VAL A 134 9.43 -21.48 -3.49
C VAL A 134 9.83 -22.18 -2.13
N GLN A 135 11.11 -22.50 -1.96
CA GLN A 135 11.66 -22.60 -0.60
C GLN A 135 12.61 -21.49 -0.26
N VAL A 136 12.34 -20.81 0.88
CA VAL A 136 13.17 -19.75 1.35
C VAL A 136 13.97 -20.44 2.50
N ILE A 137 15.27 -20.62 2.28
CA ILE A 137 16.17 -21.17 3.26
C ILE A 137 16.93 -20.04 3.85
N SER A 138 16.92 -19.91 5.15
CA SER A 138 17.51 -18.71 5.73
C SER A 138 18.26 -18.96 6.98
N LYS A 139 19.36 -18.21 7.18
CA LYS A 139 20.17 -18.30 8.42
C LYS A 139 20.46 -16.93 8.92
N SER A 140 19.80 -16.55 9.97
CA SER A 140 20.16 -15.31 10.63
C SER A 140 21.24 -15.55 11.71
N ASN A 141 22.13 -14.59 12.02
CA ASN A 141 23.02 -14.78 13.20
C ASN A 141 22.32 -15.13 14.51
N ASP A 142 21.02 -14.79 14.60
CA ASP A 142 20.23 -14.89 15.83
C ASP A 142 19.40 -16.14 15.88
N ASP A 143 19.60 -17.07 14.97
CA ASP A 143 18.80 -18.30 15.05
C ASP A 143 19.46 -19.38 14.25
N GLU A 144 18.82 -20.54 14.24
CA GLU A 144 19.19 -21.66 13.39
C GLU A 144 18.71 -21.36 12.01
N GLN A 145 19.09 -22.25 11.11
CA GLN A 145 18.65 -22.32 9.76
C GLN A 145 17.26 -22.93 9.62
N TYR A 146 16.36 -22.23 8.87
CA TYR A 146 14.98 -22.64 8.69
C TYR A 146 14.60 -22.58 7.24
N ILE A 147 13.63 -23.40 6.90
CA ILE A 147 13.04 -23.42 5.56
C ILE A 147 11.59 -22.93 5.65
N TRP A 148 11.27 -21.88 4.89
CA TRP A 148 9.88 -21.43 4.72
C TRP A 148 9.46 -21.86 3.30
N GLU A 149 8.23 -22.41 3.15
CA GLU A 149 7.81 -22.96 1.88
C GLU A 149 6.40 -22.53 1.52
N SER A 150 6.23 -22.15 0.26
CA SER A 150 4.92 -21.75 -0.19
C SER A 150 4.70 -22.19 -1.66
N ASN A 151 3.44 -22.45 -1.99
CA ASN A 151 2.98 -22.84 -3.36
C ASN A 151 1.91 -21.90 -3.85
N ALA A 152 1.94 -20.70 -3.29
CA ALA A 152 1.01 -19.59 -3.62
C ALA A 152 -0.39 -19.82 -3.12
N GLY A 153 -0.66 -20.87 -2.38
CA GLY A 153 -1.99 -21.03 -1.76
C GLY A 153 -2.00 -20.25 -0.40
N GLY A 154 -3.09 -20.42 0.35
CA GLY A 154 -3.32 -19.86 1.64
C GLY A 154 -2.41 -20.25 2.79
N SER A 155 -1.52 -21.23 2.67
CA SER A 155 -0.72 -21.62 3.78
C SER A 155 0.74 -21.74 3.45
N PHE A 156 1.60 -21.59 4.44
CA PHE A 156 3.00 -21.90 4.24
C PHE A 156 3.44 -22.73 5.42
N THR A 157 4.61 -23.37 5.28
CA THR A 157 5.20 -24.16 6.34
C THR A 157 6.56 -23.59 6.69
N VAL A 158 6.97 -23.82 7.94
CA VAL A 158 8.25 -23.42 8.45
C VAL A 158 8.83 -24.67 9.10
N THR A 159 10.10 -24.97 8.79
CA THR A 159 10.75 -26.22 9.26
C THR A 159 12.18 -25.92 9.60
N LEU A 160 12.61 -26.38 10.78
CA LEU A 160 14.02 -26.36 11.12
C LEU A 160 14.80 -27.05 9.97
N ASP A 161 15.85 -26.41 9.46
CA ASP A 161 16.52 -26.98 8.31
C ASP A 161 17.58 -28.01 8.84
N GLU A 162 17.40 -29.24 8.43
CA GLU A 162 18.35 -30.29 8.78
C GLU A 162 18.68 -31.13 7.49
N VAL A 163 18.44 -30.55 6.30
CA VAL A 163 18.59 -31.24 5.01
C VAL A 163 19.57 -30.49 4.07
N ASN A 164 19.52 -29.15 4.05
CA ASN A 164 20.27 -28.42 3.05
C ASN A 164 21.68 -28.12 3.54
N GLU A 165 22.53 -27.78 2.58
CA GLU A 165 23.85 -27.22 2.87
C GLU A 165 23.71 -26.10 3.93
N ARG A 166 24.69 -25.98 4.82
CA ARG A 166 24.62 -24.96 5.84
C ARG A 166 25.05 -23.62 5.21
N ILE A 167 24.41 -22.55 5.61
CA ILE A 167 24.65 -21.23 5.11
C ILE A 167 25.38 -20.57 6.25
N GLY A 168 26.45 -19.86 6.01
CA GLY A 168 27.12 -19.15 7.11
C GLY A 168 26.10 -18.12 7.60
N ARG A 169 25.46 -17.42 6.68
CA ARG A 169 24.46 -16.40 6.99
C ARG A 169 23.81 -15.95 5.65
N GLY A 170 22.54 -15.55 5.73
CA GLY A 170 21.80 -14.91 4.61
C GLY A 170 20.73 -15.89 4.13
N THR A 171 20.42 -15.92 2.86
CA THR A 171 19.19 -16.51 2.46
C THR A 171 19.29 -17.07 1.07
N ILE A 172 18.64 -18.20 0.85
CA ILE A 172 18.57 -18.71 -0.52
C ILE A 172 17.10 -18.76 -0.88
N LEU A 173 16.74 -18.19 -2.03
CA LEU A 173 15.41 -18.41 -2.58
C LEU A 173 15.55 -19.59 -3.57
N ARG A 174 14.89 -20.69 -3.31
CA ARG A 174 14.93 -21.81 -4.26
C ARG A 174 13.64 -21.80 -5.00
N LEU A 175 13.68 -21.42 -6.26
CA LEU A 175 12.49 -21.37 -7.08
C LEU A 175 12.28 -22.64 -7.87
N PHE A 176 11.06 -23.17 -7.85
CA PHE A 176 10.68 -24.37 -8.59
C PHE A 176 9.95 -23.82 -9.77
N LEU A 177 10.61 -23.77 -10.91
CA LEU A 177 10.16 -22.98 -12.07
C LEU A 177 8.97 -23.63 -12.70
N LYS A 178 8.06 -22.89 -13.32
CA LYS A 178 6.98 -23.50 -14.09
C LYS A 178 7.49 -24.15 -15.43
N ASP A 179 6.73 -25.09 -15.99
CA ASP A 179 7.08 -25.81 -17.24
C ASP A 179 7.36 -24.84 -18.40
N ASP A 180 6.60 -23.77 -18.51
CA ASP A 180 6.80 -22.83 -19.64
C ASP A 180 7.89 -21.77 -19.38
N GLN A 181 8.60 -21.84 -18.23
CA GLN A 181 9.55 -20.78 -17.76
C GLN A 181 10.95 -21.34 -17.54
N LEU A 182 11.23 -22.45 -18.22
CA LEU A 182 12.51 -23.12 -18.16
C LEU A 182 13.66 -22.32 -18.77
N GLU A 183 13.36 -21.28 -19.55
CA GLU A 183 14.43 -20.47 -20.08
C GLU A 183 15.28 -19.89 -18.97
N TYR A 184 14.73 -19.73 -17.74
CA TYR A 184 15.49 -18.99 -16.70
C TYR A 184 16.49 -19.90 -16.07
N LEU A 185 16.64 -21.10 -16.64
CA LEU A 185 17.75 -22.01 -16.28
C LEU A 185 19.04 -21.71 -17.08
N GLU A 186 18.91 -21.07 -18.22
CA GLU A 186 20.04 -20.90 -19.15
C GLU A 186 20.87 -19.65 -18.70
N GLU A 187 22.18 -19.84 -18.44
CA GLU A 187 23.11 -18.78 -18.06
C GLU A 187 23.00 -17.55 -18.97
N LYS A 188 22.84 -17.84 -20.25
CA LYS A 188 22.79 -16.74 -21.21
C LYS A 188 21.56 -15.91 -20.91
N ARG A 189 20.42 -16.57 -20.69
CA ARG A 189 19.18 -15.85 -20.50
C ARG A 189 19.30 -15.01 -19.21
N ILE A 190 19.97 -15.59 -18.20
CA ILE A 190 20.11 -14.92 -16.92
C ILE A 190 20.99 -13.64 -17.04
N LYS A 191 22.07 -13.77 -17.80
CA LYS A 191 22.97 -12.64 -18.05
C LYS A 191 22.24 -11.57 -18.73
N GLU A 192 21.38 -11.90 -19.71
CA GLU A 192 20.70 -10.79 -20.41
C GLU A 192 19.75 -10.08 -19.46
N VAL A 193 19.08 -10.85 -18.58
CA VAL A 193 18.10 -10.23 -17.69
C VAL A 193 18.78 -9.29 -16.68
N ILE A 194 19.88 -9.74 -16.09
CA ILE A 194 20.63 -8.93 -15.14
C ILE A 194 21.23 -7.69 -15.86
N LYS A 195 21.78 -7.86 -17.06
CA LYS A 195 22.34 -6.69 -17.75
C LYS A 195 21.20 -5.70 -18.00
N ARG A 196 20.09 -6.21 -18.52
CA ARG A 196 18.89 -5.39 -18.74
C ARG A 196 18.36 -4.57 -17.50
N HIS A 197 18.39 -5.11 -16.26
CA HIS A 197 17.61 -4.52 -15.12
C HIS A 197 18.35 -4.20 -13.79
N SER A 198 19.52 -4.80 -13.64
CA SER A 198 20.21 -4.81 -12.37
C SER A 198 21.69 -4.40 -12.57
N GLU A 199 21.97 -3.73 -13.70
CA GLU A 199 23.31 -3.21 -13.96
C GLU A 199 23.90 -2.43 -12.81
N PHE A 200 23.06 -1.60 -12.18
CA PHE A 200 23.42 -0.64 -11.12
C PHE A 200 23.57 -1.24 -9.69
N VAL A 201 23.37 -2.55 -9.55
CA VAL A 201 23.41 -3.20 -8.23
C VAL A 201 24.79 -3.11 -7.55
N ALA A 202 24.86 -2.69 -6.30
CA ALA A 202 26.16 -2.44 -5.67
C ALA A 202 26.89 -3.63 -5.02
N TYR A 203 26.50 -4.87 -5.30
CA TYR A 203 27.14 -6.04 -4.74
C TYR A 203 27.46 -6.84 -5.96
N PRO A 204 28.50 -7.67 -5.89
CA PRO A 204 28.80 -8.55 -7.00
C PRO A 204 27.66 -9.53 -7.18
N ILE A 205 27.29 -9.82 -8.43
CA ILE A 205 26.36 -10.90 -8.69
C ILE A 205 27.07 -12.05 -9.36
N GLN A 206 27.23 -13.14 -8.62
CA GLN A 206 28.00 -14.27 -9.10
C GLN A 206 27.08 -15.23 -9.77
N LEU A 207 27.47 -15.68 -10.92
CA LEU A 207 26.76 -16.73 -11.58
C LEU A 207 27.79 -17.85 -11.95
N VAL A 208 27.56 -18.93 -12.53
N HIS B 35 -4.17 24.25 -16.14
CA HIS B 35 -4.86 23.64 -14.95
C HIS B 35 -5.85 22.53 -15.44
N LYS B 36 -6.98 23.00 -15.97
CA LYS B 36 -8.06 22.23 -16.64
C LYS B 36 -7.64 20.98 -17.48
N THR B 37 -6.95 21.19 -18.61
CA THR B 37 -6.65 20.10 -19.57
C THR B 37 -5.21 19.60 -19.60
N PHE B 38 -4.31 20.25 -18.85
CA PHE B 38 -3.05 19.59 -18.45
C PHE B 38 -3.32 18.16 -17.84
N VAL B 39 -4.23 18.14 -16.88
CA VAL B 39 -4.72 16.94 -16.26
C VAL B 39 -5.33 15.94 -17.23
N GLU B 40 -6.22 16.41 -18.09
CA GLU B 40 -6.84 15.62 -19.17
C GLU B 40 -5.86 14.92 -20.11
N LYS B 41 -4.78 15.61 -20.47
CA LYS B 41 -3.69 15.03 -21.23
C LYS B 41 -2.88 13.93 -20.48
N TYR B 42 -2.58 14.19 -19.21
CA TYR B 42 -1.44 13.57 -18.57
C TYR B 42 -1.81 12.72 -17.36
N GLU B 43 -3.12 12.55 -17.19
CA GLU B 43 -3.70 11.88 -16.06
C GLU B 43 -2.96 10.56 -15.69
N LYS B 44 -2.72 9.69 -16.67
CA LYS B 44 -2.18 8.40 -16.44
C LYS B 44 -0.76 8.53 -15.96
N GLN B 45 -0.07 9.51 -16.48
CA GLN B 45 1.34 9.66 -16.21
C GLN B 45 1.55 10.22 -14.79
N ILE B 46 0.64 11.12 -14.39
CA ILE B 46 0.65 11.72 -13.06
C ILE B 46 0.35 10.56 -12.04
N LYS B 47 -0.69 9.80 -12.32
CA LYS B 47 -1.08 8.69 -11.51
C LYS B 47 0.07 7.69 -11.44
N HIS B 48 0.72 7.38 -12.55
CA HIS B 48 1.81 6.47 -12.52
C HIS B 48 2.90 6.96 -11.65
N PHE B 49 3.33 8.22 -11.80
CA PHE B 49 4.33 8.86 -10.94
C PHE B 49 3.86 8.73 -9.44
N GLY B 50 2.57 8.96 -9.20
CA GLY B 50 1.98 8.88 -7.84
C GLY B 50 2.17 7.47 -7.26
N MET B 51 2.29 6.48 -8.11
CA MET B 51 2.39 5.11 -7.59
C MET B 51 3.83 4.59 -7.44
N LEU B 52 4.79 5.34 -7.86
CA LEU B 52 6.19 4.90 -7.75
C LEU B 52 6.68 5.18 -6.36
N ARG B 53 7.90 4.80 -6.07
CA ARG B 53 8.37 5.00 -4.74
C ARG B 53 9.87 5.04 -4.75
N ARG B 54 10.52 4.10 -5.44
CA ARG B 54 12.02 4.08 -5.39
C ARG B 54 12.61 5.40 -5.96
N TRP B 55 13.62 5.96 -5.33
CA TRP B 55 14.13 7.25 -5.80
C TRP B 55 14.65 7.24 -7.24
N ASP B 56 15.42 6.23 -7.62
CA ASP B 56 15.87 6.13 -9.03
C ASP B 56 14.74 6.03 -10.01
N ASP B 57 13.67 5.36 -9.62
CA ASP B 57 12.58 5.23 -10.60
C ASP B 57 11.83 6.51 -10.72
N SER B 58 11.70 7.24 -9.62
CA SER B 58 10.92 8.47 -9.63
C SER B 58 11.70 9.48 -10.46
N GLN B 59 13.01 9.62 -10.19
CA GLN B 59 13.93 10.46 -11.00
C GLN B 59 13.83 10.14 -12.50
N LYS B 60 13.93 8.86 -12.83
CA LYS B 60 14.00 8.45 -14.21
C LYS B 60 12.71 8.80 -14.92
N TYR B 61 11.60 8.52 -14.25
CA TYR B 61 10.32 8.80 -14.85
C TYR B 61 10.11 10.30 -15.08
N LEU B 62 10.49 11.15 -14.13
CA LEU B 62 10.34 12.57 -14.34
C LEU B 62 11.30 13.04 -15.48
N SER B 63 12.51 12.50 -15.50
CA SER B 63 13.46 12.78 -16.56
C SER B 63 12.88 12.52 -17.97
N ASP B 64 12.20 11.39 -18.15
CA ASP B 64 11.54 11.05 -19.40
C ASP B 64 10.26 11.82 -19.64
N ASN B 65 9.85 12.59 -18.65
CA ASN B 65 8.62 13.26 -18.83
C ASN B 65 8.73 14.50 -17.99
N VAL B 66 9.68 15.39 -18.31
CA VAL B 66 9.96 16.48 -17.41
C VAL B 66 8.82 17.49 -17.32
N HIS B 67 7.83 17.39 -18.21
CA HIS B 67 6.64 18.22 -18.08
C HIS B 67 5.77 17.86 -16.83
N LEU B 68 5.98 16.66 -16.28
CA LEU B 68 5.22 16.30 -15.05
C LEU B 68 5.61 17.13 -13.81
N VAL B 69 6.80 17.73 -13.85
CA VAL B 69 7.41 18.41 -12.71
C VAL B 69 6.83 19.80 -12.64
N CYS B 70 5.67 19.95 -12.02
CA CYS B 70 5.02 21.28 -11.96
C CYS B 70 3.89 21.27 -10.92
N GLU B 71 3.47 22.48 -10.53
CA GLU B 71 2.44 22.67 -9.56
C GLU B 71 1.17 21.89 -9.88
N GLU B 72 0.81 21.78 -11.16
CA GLU B 72 -0.43 21.11 -11.50
C GLU B 72 -0.42 19.63 -11.13
N THR B 73 0.71 18.95 -11.32
CA THR B 73 0.73 17.56 -10.90
C THR B 73 0.65 17.44 -9.35
N ALA B 74 1.43 18.20 -8.59
CA ALA B 74 1.22 18.29 -7.12
C ALA B 74 -0.24 18.48 -6.73
N ASN B 75 -0.90 19.52 -7.28
CA ASN B 75 -2.33 19.73 -6.98
C ASN B 75 -3.24 18.56 -7.32
N TYR B 76 -3.04 17.92 -8.45
CA TYR B 76 -3.91 16.77 -8.85
C TYR B 76 -3.61 15.55 -7.90
N LEU B 77 -2.32 15.30 -7.64
CA LEU B 77 -1.98 14.24 -6.67
C LEU B 77 -2.68 14.51 -5.34
N VAL B 78 -2.69 15.75 -4.84
CA VAL B 78 -3.38 16.03 -3.57
C VAL B 78 -4.87 15.61 -3.65
N ILE B 79 -5.53 15.96 -4.76
CA ILE B 79 -6.99 15.64 -4.96
C ILE B 79 -7.22 14.16 -5.11
N TRP B 80 -6.38 13.54 -5.92
CA TRP B 80 -6.42 12.06 -6.01
C TRP B 80 -6.24 11.36 -4.65
N CYS B 81 -5.33 11.84 -3.78
CA CYS B 81 -5.26 11.23 -2.39
C CYS B 81 -6.58 11.29 -1.62
N ILE B 82 -7.23 12.46 -1.62
CA ILE B 82 -8.60 12.59 -1.01
C ILE B 82 -9.61 11.65 -1.63
N ASP B 83 -9.68 11.56 -2.98
CA ASP B 83 -10.58 10.55 -3.57
C ASP B 83 -10.25 9.16 -3.12
N LEU B 84 -8.98 8.75 -3.14
CA LEU B 84 -8.64 7.38 -2.72
C LEU B 84 -9.07 7.13 -1.30
N GLU B 85 -8.77 8.07 -0.42
CA GLU B 85 -9.12 7.86 0.99
C GLU B 85 -10.69 7.79 1.15
N VAL B 86 -11.44 8.67 0.48
CA VAL B 86 -12.95 8.53 0.44
C VAL B 86 -13.41 7.15 -0.16
N GLU B 87 -12.74 6.70 -1.24
CA GLU B 87 -13.06 5.35 -1.73
C GLU B 87 -12.57 4.24 -0.81
N GLU B 88 -11.94 4.55 0.30
CA GLU B 88 -11.41 3.50 1.17
C GLU B 88 -10.18 2.68 0.59
N LYS B 89 -9.51 3.29 -0.36
CA LYS B 89 -8.19 2.82 -0.79
C LYS B 89 -7.11 3.55 0.03
N CYS B 90 -7.16 3.34 1.34
CA CYS B 90 -6.27 3.91 2.33
C CYS B 90 -4.81 3.47 2.10
N ALA B 91 -4.57 2.17 1.87
CA ALA B 91 -3.22 1.70 1.66
C ALA B 91 -2.64 2.43 0.39
N LEU B 92 -3.36 2.48 -0.73
CA LEU B 92 -2.79 3.24 -1.89
C LEU B 92 -2.64 4.74 -1.62
N MET B 93 -3.60 5.30 -0.85
CA MET B 93 -3.43 6.76 -0.57
C MET B 93 -2.06 7.04 0.05
N GLU B 94 -1.58 6.14 0.91
CA GLU B 94 -0.29 6.43 1.55
C GLU B 94 0.86 6.40 0.57
N GLN B 95 0.80 5.49 -0.40
CA GLN B 95 1.81 5.39 -1.41
C GLN B 95 1.79 6.69 -2.22
N VAL B 96 0.58 7.13 -2.63
CA VAL B 96 0.45 8.43 -3.44
C VAL B 96 0.86 9.68 -2.62
N ALA B 97 0.46 9.73 -1.36
CA ALA B 97 0.87 10.84 -0.50
C ALA B 97 2.42 11.02 -0.50
N HIS B 98 3.18 9.92 -0.41
CA HIS B 98 4.62 10.01 -0.40
C HIS B 98 5.13 10.73 -1.66
N GLN B 99 4.55 10.39 -2.81
CA GLN B 99 5.01 10.95 -4.11
C GLN B 99 4.54 12.41 -4.20
N THR B 100 3.43 12.72 -3.53
CA THR B 100 2.95 14.10 -3.43
C THR B 100 3.93 15.00 -2.69
N ILE B 101 4.29 14.59 -1.50
CA ILE B 101 5.27 15.31 -0.74
C ILE B 101 6.55 15.41 -1.55
N VAL B 102 6.95 14.34 -2.29
CA VAL B 102 8.17 14.43 -3.10
C VAL B 102 8.06 15.64 -4.12
N MET B 103 6.97 15.68 -4.85
CA MET B 103 6.70 16.72 -5.84
C MET B 103 6.64 18.09 -5.14
N GLN B 104 5.93 18.16 -4.00
CA GLN B 104 5.91 19.42 -3.25
C GLN B 104 7.34 19.82 -2.89
N PHE B 105 8.13 18.87 -2.42
CA PHE B 105 9.55 19.19 -2.11
C PHE B 105 10.40 19.62 -3.27
N ILE B 106 10.13 19.04 -4.43
CA ILE B 106 10.77 19.56 -5.64
C ILE B 106 10.38 21.04 -5.90
N LEU B 107 9.10 21.38 -5.80
CA LEU B 107 8.65 22.75 -6.15
C LEU B 107 9.22 23.74 -5.13
N GLU B 108 9.32 23.31 -3.88
CA GLU B 108 9.88 24.13 -2.78
C GLU B 108 11.33 24.39 -3.02
N LEU B 109 12.12 23.34 -3.22
CA LEU B 109 13.52 23.57 -3.45
C LEU B 109 13.74 24.50 -4.69
N ALA B 110 12.87 24.41 -5.71
CA ALA B 110 12.98 25.20 -6.92
C ALA B 110 12.73 26.67 -6.57
N LYS B 111 11.66 26.99 -5.84
CA LYS B 111 11.50 28.35 -5.37
C LYS B 111 12.68 28.87 -4.53
N SER B 112 13.30 28.01 -3.72
CA SER B 112 14.48 28.42 -2.94
C SER B 112 15.57 28.97 -3.82
N LEU B 113 15.95 28.17 -4.82
CA LEU B 113 17.11 28.35 -5.69
C LEU B 113 16.93 29.40 -6.80
N LYS B 114 15.72 29.97 -6.83
CA LYS B 114 15.29 30.96 -7.82
C LYS B 114 14.97 30.33 -9.19
N VAL B 115 15.51 29.12 -9.45
CA VAL B 115 15.43 28.34 -10.71
C VAL B 115 14.04 27.70 -11.04
N ASP B 116 13.93 27.20 -12.29
CA ASP B 116 12.78 26.42 -12.80
C ASP B 116 12.81 24.97 -12.26
N PRO B 117 11.69 24.47 -11.77
CA PRO B 117 11.66 23.11 -11.21
C PRO B 117 12.12 22.03 -12.20
N ARG B 118 11.87 22.18 -13.50
CA ARG B 118 12.23 21.22 -14.56
C ARG B 118 13.74 21.06 -14.76
N ALA B 119 14.52 21.93 -14.13
CA ALA B 119 15.94 22.01 -14.42
C ALA B 119 16.74 21.79 -13.19
N CYS B 120 16.05 21.55 -12.09
CA CYS B 120 16.70 21.41 -10.81
C CYS B 120 16.18 20.21 -9.97
N PHE B 121 15.04 19.61 -10.37
CA PHE B 121 14.49 18.38 -9.73
C PHE B 121 15.49 17.25 -9.49
N ARG B 122 16.48 17.10 -10.37
CA ARG B 122 17.47 16.02 -10.25
C ARG B 122 18.32 16.19 -9.01
N GLN B 123 18.40 17.40 -8.52
CA GLN B 123 19.25 17.59 -7.36
C GLN B 123 18.48 17.39 -6.03
N PHE B 124 17.15 17.37 -6.09
CA PHE B 124 16.36 16.84 -4.98
C PHE B 124 16.69 15.36 -4.76
N PHE B 125 16.68 14.60 -5.84
CA PHE B 125 16.93 13.20 -5.72
C PHE B 125 18.33 12.87 -5.26
N THR B 126 19.26 13.68 -5.74
CA THR B 126 20.67 13.62 -5.32
C THR B 126 20.81 13.90 -3.86
N LYS B 127 20.11 14.91 -3.35
CA LYS B 127 20.16 15.20 -1.93
C LYS B 127 19.40 14.12 -1.08
N ILE B 128 18.26 13.64 -1.56
CA ILE B 128 17.50 12.70 -0.77
C ILE B 128 18.19 11.36 -0.60
N LYS B 129 18.88 10.87 -1.64
CA LYS B 129 19.52 9.56 -1.55
C LYS B 129 20.61 9.49 -0.49
N THR B 130 21.24 10.60 -0.17
CA THR B 130 22.18 10.51 0.96
C THR B 130 21.81 11.47 2.10
N ALA B 131 20.51 11.75 2.28
CA ALA B 131 20.12 12.73 3.29
C ALA B 131 20.56 12.29 4.70
N ASP B 132 20.89 13.23 5.58
CA ASP B 132 21.03 12.90 7.00
C ASP B 132 19.77 12.26 7.57
N ARG B 133 19.95 11.41 8.57
CA ARG B 133 18.88 10.85 9.36
C ARG B 133 17.85 11.95 9.73
N GLN B 134 18.29 13.14 10.12
CA GLN B 134 17.37 14.14 10.75
C GLN B 134 16.47 14.70 9.66
N TYR B 135 17.04 14.81 8.47
CA TYR B 135 16.29 15.27 7.32
C TYR B 135 15.10 14.26 7.04
N MET B 136 15.41 12.97 6.97
CA MET B 136 14.41 11.90 6.72
C MET B 136 13.38 11.82 7.83
N GLU B 137 13.80 12.12 9.07
CA GLU B 137 12.79 12.24 10.10
C GLU B 137 11.78 13.37 9.83
N GLY B 138 12.27 14.54 9.33
CA GLY B 138 11.31 15.63 9.12
C GLY B 138 10.54 15.40 7.86
N PHE B 139 11.18 14.86 6.81
CA PHE B 139 10.46 14.29 5.68
C PHE B 139 9.26 13.38 6.12
N ASN B 140 9.51 12.39 6.95
CA ASN B 140 8.44 11.56 7.53
C ASN B 140 7.33 12.22 8.36
N ASP B 141 7.69 13.23 9.19
CA ASP B 141 6.72 14.00 9.96
C ASP B 141 5.85 14.77 9.00
N GLU B 142 6.44 15.38 7.92
CA GLU B 142 5.64 16.17 6.98
C GLU B 142 4.76 15.22 6.13
N LEU B 143 5.27 14.08 5.71
CA LEU B 143 4.40 13.08 5.08
C LEU B 143 3.17 12.69 5.95
N GLU B 144 3.38 12.31 7.19
CA GLU B 144 2.31 11.95 8.17
C GLU B 144 1.35 13.11 8.43
N ALA B 145 1.89 14.31 8.62
CA ALA B 145 0.98 15.48 8.81
C ALA B 145 0.10 15.58 7.52
N PHE B 146 0.73 15.42 6.33
CA PHE B 146 0.01 15.56 5.05
C PHE B 146 -1.13 14.55 4.94
N LYS B 147 -0.85 13.33 5.33
CA LYS B 147 -1.82 12.27 5.31
C LYS B 147 -2.99 12.55 6.27
N GLU B 148 -2.67 13.29 7.36
CA GLU B 148 -3.72 13.70 8.32
C GLU B 148 -4.63 14.78 7.72
N ARG B 149 -4.05 15.81 7.14
CA ARG B 149 -4.84 16.75 6.40
C ARG B 149 -5.71 16.02 5.29
N VAL B 150 -5.18 14.99 4.62
CA VAL B 150 -5.94 14.33 3.58
C VAL B 150 -7.07 13.60 4.28
N ARG B 151 -6.79 12.94 5.37
CA ARG B 151 -7.90 12.29 6.06
C ARG B 151 -8.98 13.30 6.56
N GLY B 152 -8.56 14.48 7.02
CA GLY B 152 -9.51 15.47 7.51
C GLY B 152 -10.37 15.91 6.33
N ARG B 153 -9.77 16.14 5.14
CA ARG B 153 -10.55 16.45 3.95
C ARG B 153 -11.52 15.36 3.47
N ALA B 154 -11.13 14.09 3.56
CA ALA B 154 -11.99 12.99 3.11
C ALA B 154 -13.16 12.96 4.09
N LYS B 155 -12.85 13.12 5.38
CA LYS B 155 -13.88 13.06 6.39
C LYS B 155 -14.99 14.15 6.13
N LEU B 156 -14.58 15.37 5.71
CA LEU B 156 -15.54 16.36 5.25
C LEU B 156 -16.47 15.81 4.15
N ARG B 157 -15.95 15.02 3.20
CA ARG B 157 -16.78 14.59 2.07
C ARG B 157 -17.74 13.54 2.52
N ILE B 158 -17.27 12.66 3.38
CA ILE B 158 -18.06 11.62 4.03
C ILE B 158 -19.18 12.15 4.91
N GLU B 159 -18.86 13.12 5.78
CA GLU B 159 -19.90 13.78 6.56
C GLU B 159 -20.89 14.53 5.69
N LYS B 160 -20.46 15.12 4.58
CA LYS B 160 -21.39 15.77 3.67
C LYS B 160 -22.45 14.73 3.19
N ALA B 161 -22.01 13.55 2.77
CA ALA B 161 -22.89 12.48 2.33
C ALA B 161 -23.76 11.93 3.47
N MET B 162 -23.23 11.85 4.69
CA MET B 162 -24.04 11.34 5.78
C MET B 162 -25.20 12.33 6.08
N LYS B 163 -24.92 13.61 5.91
CA LYS B 163 -25.80 14.69 6.31
C LYS B 163 -26.91 14.70 5.23
N GLU B 164 -26.53 14.48 3.97
CA GLU B 164 -27.52 14.33 2.92
C GLU B 164 -28.41 13.13 3.16
N TYR B 165 -27.78 12.01 3.45
CA TYR B 165 -28.57 10.86 3.84
C TYR B 165 -29.57 11.17 4.95
N GLU B 166 -29.19 11.99 5.92
CA GLU B 166 -30.06 12.09 7.07
C GLU B 166 -31.16 13.13 6.81
N GLU B 167 -30.89 14.04 5.85
CA GLU B 167 -31.85 14.95 5.28
C GLU B 167 -32.97 14.10 4.62
N GLU B 168 -32.60 13.05 3.91
CA GLU B 168 -33.62 12.24 3.33
C GLU B 168 -34.34 11.36 4.36
N GLU B 169 -33.66 10.87 5.40
CA GLU B 169 -34.39 10.16 6.45
C GLU B 169 -35.46 11.07 7.06
N ARG B 170 -35.12 12.35 7.17
CA ARG B 170 -35.94 13.41 7.67
C ARG B 170 -37.16 13.62 6.74
N LYS B 171 -36.93 13.93 5.47
CA LYS B 171 -37.99 14.02 4.45
C LYS B 171 -39.03 12.87 4.54
N LYS B 172 -38.54 11.64 4.71
CA LYS B 172 -39.32 10.41 4.76
C LYS B 172 -40.18 10.22 5.99
N ARG B 173 -39.85 10.90 7.04
CA ARG B 173 -40.74 10.83 8.19
C ARG B 173 -41.61 12.09 8.41
N LEU B 174 -41.53 13.09 7.55
CA LEU B 174 -42.43 14.23 7.62
C LEU B 174 -43.89 13.79 7.58
N GLY B 175 -44.67 14.39 8.45
CA GLY B 175 -46.10 14.24 8.43
C GLY B 175 -46.79 14.78 7.20
N PRO B 176 -48.13 14.62 7.15
CA PRO B 176 -48.91 14.99 5.94
C PRO B 176 -48.94 16.50 5.64
N GLY B 177 -48.70 17.27 6.69
CA GLY B 177 -48.65 18.70 6.56
C GLY B 177 -47.16 19.18 6.57
N GLY B 178 -46.19 18.29 6.28
CA GLY B 178 -44.77 18.59 6.19
C GLY B 178 -43.98 18.78 7.50
N LEU B 179 -44.55 18.47 8.66
CA LEU B 179 -43.87 18.63 9.97
C LEU B 179 -43.32 17.29 10.40
N ASP B 180 -42.14 17.38 11.00
CA ASP B 180 -41.42 16.26 11.61
C ASP B 180 -42.03 15.99 12.98
N PRO B 181 -42.54 14.77 13.18
CA PRO B 181 -43.16 14.45 14.47
C PRO B 181 -42.09 14.30 15.60
N VAL B 182 -40.79 14.14 15.24
CA VAL B 182 -39.74 14.19 16.30
C VAL B 182 -39.72 15.63 16.83
N GLU B 183 -39.58 16.62 15.94
CA GLU B 183 -39.52 18.01 16.42
C GLU B 183 -40.76 18.41 17.17
N VAL B 184 -41.91 18.05 16.61
CA VAL B 184 -43.14 18.52 17.19
C VAL B 184 -43.27 17.91 18.58
N TYR B 185 -42.99 16.62 18.71
CA TYR B 185 -43.03 15.98 20.02
C TYR B 185 -42.32 16.85 21.10
N GLU B 186 -41.10 17.28 20.75
CA GLU B 186 -40.20 17.89 21.72
C GLU B 186 -40.65 19.32 22.03
N SER B 187 -41.36 19.93 21.07
CA SER B 187 -41.86 21.30 21.20
C SER B 187 -43.13 21.37 22.05
N LEU B 188 -43.72 20.21 22.34
CA LEU B 188 -44.97 20.13 23.10
C LEU B 188 -44.77 20.38 24.60
N PRO B 189 -45.74 20.99 25.30
CA PRO B 189 -45.73 20.95 26.77
C PRO B 189 -45.51 19.51 27.26
N GLU B 190 -44.88 19.45 28.45
CA GLU B 190 -44.63 18.20 29.11
C GLU B 190 -46.01 17.61 29.37
N GLU B 191 -46.08 16.29 29.28
CA GLU B 191 -47.28 15.48 29.53
C GLU B 191 -47.27 14.53 28.37
N LEU B 192 -47.26 15.16 27.22
CA LEU B 192 -47.97 14.63 26.11
C LEU B 192 -47.40 13.29 25.63
N GLN B 193 -48.33 12.52 25.07
CA GLN B 193 -48.49 11.08 25.32
C GLN B 193 -47.51 10.06 24.70
N LYS B 194 -46.46 9.71 25.46
CA LYS B 194 -45.80 8.42 25.27
C LYS B 194 -46.84 7.33 25.55
N CYS B 195 -47.98 7.76 26.09
CA CYS B 195 -49.24 7.02 26.03
C CYS B 195 -49.13 5.57 26.45
N MET B 203 -55.35 9.40 25.43
CA MET B 203 -56.45 9.17 24.49
C MET B 203 -57.69 9.96 24.91
N LEU B 204 -58.58 9.39 25.74
CA LEU B 204 -59.61 10.23 26.37
C LEU B 204 -59.02 10.97 27.57
N GLN B 205 -57.78 10.62 27.93
CA GLN B 205 -57.06 11.32 28.99
C GLN B 205 -56.51 12.62 28.44
N ASP B 206 -55.68 12.49 27.43
CA ASP B 206 -55.33 13.62 26.60
C ASP B 206 -56.51 14.60 26.32
N ALA B 207 -57.70 14.06 25.99
CA ALA B 207 -58.89 14.89 25.75
C ALA B 207 -59.25 15.77 26.96
N ILE B 208 -59.29 15.18 28.17
CA ILE B 208 -59.63 15.89 29.42
C ILE B 208 -58.63 17.06 29.66
N SER B 209 -57.43 16.90 29.11
CA SER B 209 -56.44 17.96 29.04
C SER B 209 -56.79 19.14 28.06
N LYS B 210 -58.08 19.33 27.77
CA LYS B 210 -58.55 20.57 27.13
C LYS B 210 -58.68 21.64 28.20
N MET B 211 -57.54 22.17 28.65
CA MET B 211 -57.54 23.30 29.56
C MET B 211 -56.32 24.15 29.20
N ASP B 212 -56.55 25.20 28.41
CA ASP B 212 -55.54 26.18 27.94
C ASP B 212 -56.11 26.92 26.70
N PRO B 213 -55.79 28.21 26.52
CA PRO B 213 -56.60 29.13 25.66
C PRO B 213 -56.85 28.71 24.17
N THR B 214 -55.97 29.13 23.27
CA THR B 214 -55.98 28.78 21.84
C THR B 214 -54.60 28.18 21.54
N ASP B 215 -53.70 28.32 22.50
CA ASP B 215 -52.47 27.56 22.52
C ASP B 215 -52.75 26.07 22.19
N ALA B 216 -53.93 25.58 22.59
CA ALA B 216 -54.35 24.20 22.28
C ALA B 216 -54.51 23.92 20.76
N LYS B 217 -55.19 24.84 20.05
CA LYS B 217 -55.25 24.85 18.57
C LYS B 217 -53.83 24.82 17.95
N TYR B 218 -52.91 25.55 18.55
CA TYR B 218 -51.54 25.66 18.06
C TYR B 218 -50.73 24.34 18.14
N HIS B 219 -50.72 23.68 19.28
CA HIS B 219 -50.03 22.38 19.35
C HIS B 219 -50.80 21.28 18.66
N MET B 220 -52.14 21.33 18.74
CA MET B 220 -52.96 20.29 18.14
C MET B 220 -52.77 20.30 16.61
N GLN B 221 -52.85 21.50 16.01
CA GLN B 221 -52.58 21.64 14.60
C GLN B 221 -51.23 21.05 14.17
N ARG B 222 -50.19 21.31 15.00
CA ARG B 222 -48.88 20.78 14.70
C ARG B 222 -48.80 19.25 14.90
N CYS B 223 -49.61 18.69 15.80
CA CYS B 223 -49.73 17.24 15.90
C CYS B 223 -50.42 16.67 14.63
N ILE B 224 -51.39 17.38 14.07
CA ILE B 224 -52.05 16.89 12.89
C ILE B 224 -51.10 16.98 11.69
N ASP B 225 -50.44 18.11 11.55
CA ASP B 225 -49.50 18.28 10.48
C ASP B 225 -48.28 17.38 10.55
N SER B 226 -47.92 16.92 11.75
CA SER B 226 -46.75 16.03 11.83
C SER B 226 -47.10 14.55 11.84
N GLY B 227 -48.40 14.24 11.82
CA GLY B 227 -48.84 12.86 11.90
C GLY B 227 -48.84 12.28 13.33
N LEU B 228 -48.45 13.06 14.35
CA LEU B 228 -48.64 12.68 15.78
C LEU B 228 -50.10 12.32 16.14
N TRP B 229 -51.05 13.01 15.54
CA TRP B 229 -52.45 12.70 15.73
C TRP B 229 -53.23 12.59 14.38
N VAL B 230 -53.94 11.48 14.21
CA VAL B 230 -54.77 11.29 13.04
C VAL B 230 -56.24 11.57 13.40
N PRO B 231 -56.81 12.67 12.89
CA PRO B 231 -58.21 12.99 13.17
C PRO B 231 -59.07 11.87 12.57
N ASN B 232 -59.83 11.21 13.44
CA ASN B 232 -60.43 9.94 13.09
C ASN B 232 -61.57 10.24 12.13
N SER B 233 -62.05 11.47 12.24
CA SER B 233 -63.08 12.08 11.40
C SER B 233 -62.68 13.57 11.28
N LYS B 234 -61.85 13.88 10.27
CA LYS B 234 -61.14 15.17 10.05
C LYS B 234 -61.54 16.53 10.73
N ALA B 235 -62.67 17.03 10.60
#